data_5CPC
#
_entry.id   5CPC
#
_cell.length_a   46.525
_cell.length_b   102.743
_cell.length_c   76.018
_cell.angle_alpha   90.000
_cell.angle_beta   105.530
_cell.angle_gamma   90.000
#
_symmetry.space_group_name_H-M   'P 1 21 1'
#
loop_
_entity.id
_entity.type
_entity.pdbx_description
1 polymer 'Secreted effector protein SopD'
2 water water
#
_entity_poly.entity_id   1
_entity_poly.type   'polypeptide(L)'
_entity_poly.pdbx_seq_one_letter_code
;MPVTLSFGNHQNYTLNESRLAHLLSADKEKAIHMGGWDKVQDHFRAEKKDHALEVLHSIIHGQGRGEPGEMEVNVEDINK
IYAFKRLQHLACPAHQDLFTIKMDASQTQFLLMVGDTVISQSNIKDILNISDDAVIESMSREERQLFLQICEVIGSKMTW
HPELLQESISTLRKEVTGNAQIKTAVYEMMRPAEAPDHPLVEWQDSLTADEKSMLACINAGNFEPTTQFCKIGYQEVQGE
VAFSMMHPCISYLLHSYSPFSEFKPTNSGFLKKLNQDYNDYHAKKMFIDVILEKLYLTHERSLHIGKDGCSRNILLT
;
_entity_poly.pdbx_strand_id   A,B
#
# COMPACT_ATOMS: atom_id res chain seq x y z
N LYS A 30 3.14 -35.32 -12.91
CA LYS A 30 3.88 -36.12 -11.88
C LYS A 30 3.01 -37.24 -11.24
N ALA A 31 3.52 -38.48 -11.25
CA ALA A 31 2.82 -39.68 -10.77
C ALA A 31 2.09 -39.60 -9.41
N ILE A 32 0.78 -39.82 -9.45
CA ILE A 32 0.02 -39.93 -8.23
C ILE A 32 -0.03 -41.41 -7.83
N HIS A 33 0.13 -41.68 -6.54
CA HIS A 33 0.27 -43.03 -6.05
C HIS A 33 -0.78 -43.40 -5.01
N MET A 34 -1.48 -42.40 -4.47
CA MET A 34 -2.38 -42.68 -3.36
C MET A 34 -3.50 -43.65 -3.76
N GLY A 35 -4.07 -44.34 -2.79
CA GLY A 35 -5.16 -45.32 -3.11
C GLY A 35 -4.79 -46.44 -4.11
N GLY A 36 -3.51 -46.84 -4.19
CA GLY A 36 -2.99 -47.79 -5.22
C GLY A 36 -3.22 -47.29 -6.67
N TRP A 37 -3.26 -45.96 -6.87
CA TRP A 37 -3.57 -45.36 -8.21
C TRP A 37 -2.66 -45.87 -9.37
N ASP A 38 -1.39 -46.15 -9.07
CA ASP A 38 -0.48 -46.79 -10.02
C ASP A 38 -1.06 -47.92 -10.84
N LYS A 39 -1.88 -48.78 -10.25
CA LYS A 39 -2.44 -49.85 -11.00
C LYS A 39 -3.94 -49.66 -11.12
N VAL A 40 -4.56 -49.01 -10.13
CA VAL A 40 -5.99 -48.76 -10.17
C VAL A 40 -6.43 -47.95 -11.38
N GLN A 41 -5.59 -47.03 -11.82
CA GLN A 41 -5.88 -46.18 -12.98
C GLN A 41 -6.10 -46.99 -14.25
N ASP A 42 -5.54 -48.20 -14.34
CA ASP A 42 -5.71 -49.03 -15.52
C ASP A 42 -7.14 -49.45 -15.73
N HIS A 43 -8.03 -49.17 -14.79
CA HIS A 43 -9.42 -49.61 -14.96
C HIS A 43 -10.26 -48.54 -15.62
N PHE A 44 -9.63 -47.40 -15.90
CA PHE A 44 -10.32 -46.17 -16.38
C PHE A 44 -9.77 -45.67 -17.75
N ARG A 45 -10.66 -45.16 -18.62
CA ARG A 45 -10.32 -44.53 -19.92
C ARG A 45 -9.57 -43.30 -19.56
N ALA A 46 -8.62 -42.92 -20.39
CA ALA A 46 -7.86 -41.69 -20.10
C ALA A 46 -8.75 -40.49 -19.80
N GLU A 47 -9.87 -40.36 -20.50
CA GLU A 47 -10.69 -39.11 -20.33
C GLU A 47 -11.47 -39.12 -19.01
N LYS A 48 -11.47 -40.24 -18.29
CA LYS A 48 -12.18 -40.38 -17.00
C LYS A 48 -11.27 -40.35 -15.79
N LYS A 49 -9.95 -40.34 -16.02
CA LYS A 49 -8.98 -40.52 -14.91
C LYS A 49 -9.07 -39.44 -13.90
N ASP A 50 -9.24 -38.19 -14.35
CA ASP A 50 -9.40 -37.07 -13.36
C ASP A 50 -10.67 -37.13 -12.54
N HIS A 51 -11.77 -37.44 -13.19
CA HIS A 51 -12.98 -37.71 -12.46
C HIS A 51 -12.72 -38.91 -11.48
N ALA A 52 -12.17 -40.02 -11.93
CA ALA A 52 -12.04 -41.14 -11.02
C ALA A 52 -11.13 -40.79 -9.82
N LEU A 53 -10.10 -39.93 -10.03
CA LEU A 53 -9.20 -39.47 -8.95
C LEU A 53 -9.88 -38.63 -7.90
N GLU A 54 -10.76 -37.72 -8.36
CA GLU A 54 -11.53 -36.93 -7.45
C GLU A 54 -12.37 -37.86 -6.58
N VAL A 55 -12.95 -38.91 -7.20
CA VAL A 55 -13.72 -39.84 -6.43
C VAL A 55 -12.80 -40.62 -5.47
N LEU A 56 -11.70 -41.14 -5.99
CA LEU A 56 -10.73 -41.87 -5.14
C LEU A 56 -10.29 -41.02 -3.96
N HIS A 57 -9.96 -39.76 -4.24
CA HIS A 57 -9.67 -38.77 -3.19
C HIS A 57 -10.77 -38.72 -2.16
N SER A 58 -12.04 -38.59 -2.56
CA SER A 58 -13.07 -38.61 -1.52
C SER A 58 -13.29 -39.96 -0.78
N ILE A 59 -12.89 -41.09 -1.37
CA ILE A 59 -12.97 -42.32 -0.62
C ILE A 59 -11.91 -42.37 0.49
N ILE A 60 -10.68 -41.98 0.16
CA ILE A 60 -9.54 -42.24 1.06
C ILE A 60 -9.21 -41.11 2.06
N HIS A 61 -9.51 -39.84 1.72
CA HIS A 61 -9.08 -38.70 2.57
C HIS A 61 -9.99 -38.45 3.79
N GLY A 69 -1.05 -43.63 15.45
CA GLY A 69 -0.28 -43.39 14.23
C GLY A 69 -0.40 -41.98 13.67
N GLU A 70 -1.57 -41.67 13.09
CA GLU A 70 -1.77 -40.41 12.33
C GLU A 70 -2.26 -39.25 13.21
N MET A 71 -1.57 -38.13 13.17
CA MET A 71 -2.07 -36.95 13.91
C MET A 71 -3.28 -36.32 13.22
N GLU A 72 -4.23 -35.80 13.98
CA GLU A 72 -5.40 -35.18 13.35
C GLU A 72 -4.94 -33.90 12.65
N VAL A 73 -5.57 -33.61 11.54
CA VAL A 73 -5.15 -32.54 10.66
C VAL A 73 -6.36 -31.64 10.42
N ASN A 74 -6.09 -30.35 10.19
CA ASN A 74 -7.15 -29.33 10.03
C ASN A 74 -7.01 -28.64 8.65
N VAL A 75 -7.50 -29.27 7.58
CA VAL A 75 -7.17 -28.77 6.24
C VAL A 75 -8.35 -28.55 5.32
N GLU A 76 -9.55 -28.55 5.90
CA GLU A 76 -10.73 -28.50 5.09
C GLU A 76 -10.77 -27.10 4.41
N ASP A 77 -10.65 -26.06 5.20
CA ASP A 77 -10.57 -24.67 4.67
C ASP A 77 -9.47 -24.42 3.68
N ILE A 78 -8.22 -24.81 4.01
CA ILE A 78 -7.13 -24.57 3.08
C ILE A 78 -7.31 -25.33 1.75
N ASN A 79 -7.74 -26.60 1.79
CA ASN A 79 -8.03 -27.36 0.53
C ASN A 79 -9.13 -26.80 -0.36
N LYS A 80 -10.02 -25.99 0.20
CA LYS A 80 -11.05 -25.36 -0.65
C LYS A 80 -10.45 -24.60 -1.76
N ILE A 81 -9.29 -23.96 -1.51
CA ILE A 81 -8.72 -23.05 -2.47
C ILE A 81 -8.30 -23.83 -3.70
N TYR A 82 -7.45 -24.86 -3.53
CA TYR A 82 -7.14 -25.71 -4.69
C TYR A 82 -8.41 -26.41 -5.25
N ALA A 83 -9.33 -26.85 -4.40
CA ALA A 83 -10.60 -27.55 -4.93
C ALA A 83 -11.42 -26.60 -5.84
N PHE A 84 -11.50 -25.34 -5.42
CA PHE A 84 -12.16 -24.32 -6.26
C PHE A 84 -11.49 -24.19 -7.62
N LYS A 85 -10.16 -24.29 -7.64
CA LYS A 85 -9.38 -24.28 -8.85
C LYS A 85 -9.81 -25.52 -9.68
N ARG A 86 -9.98 -26.66 -9.00
CA ARG A 86 -10.37 -27.85 -9.76
C ARG A 86 -11.73 -27.65 -10.36
N LEU A 87 -12.61 -27.02 -9.59
CA LEU A 87 -13.97 -26.70 -10.14
C LEU A 87 -13.85 -25.85 -11.38
N GLN A 88 -13.15 -24.73 -11.23
CA GLN A 88 -13.04 -23.74 -12.30
C GLN A 88 -12.55 -24.44 -13.55
N HIS A 89 -11.62 -25.38 -13.37
CA HIS A 89 -10.93 -25.98 -14.54
C HIS A 89 -11.88 -26.85 -15.35
N LEU A 90 -12.99 -27.27 -14.75
CA LEU A 90 -13.97 -28.07 -15.49
C LEU A 90 -15.03 -27.20 -16.21
N ALA A 91 -15.04 -25.90 -15.94
CA ALA A 91 -16.11 -25.06 -16.56
C ALA A 91 -15.73 -24.67 -17.99
N CYS A 92 -16.70 -24.43 -18.87
CA CYS A 92 -16.35 -23.95 -20.23
C CYS A 92 -15.30 -22.81 -20.17
N PRO A 93 -14.34 -22.81 -21.11
CA PRO A 93 -13.29 -21.82 -21.02
C PRO A 93 -13.77 -20.37 -20.93
N ALA A 94 -14.92 -20.07 -21.54
CA ALA A 94 -15.45 -18.69 -21.50
C ALA A 94 -16.22 -18.32 -20.20
N HIS A 95 -16.70 -19.32 -19.48
CA HIS A 95 -17.23 -19.11 -18.11
C HIS A 95 -16.15 -18.96 -17.01
N GLN A 96 -14.86 -19.11 -17.33
CA GLN A 96 -13.87 -19.33 -16.27
C GLN A 96 -13.55 -18.08 -15.46
N ASP A 97 -13.68 -16.93 -16.12
CA ASP A 97 -13.58 -15.60 -15.51
C ASP A 97 -14.59 -15.45 -14.38
N LEU A 98 -15.74 -16.09 -14.52
CA LEU A 98 -16.85 -16.01 -13.57
C LEU A 98 -16.54 -16.62 -12.18
N PHE A 99 -15.55 -17.54 -12.13
CA PHE A 99 -15.10 -18.15 -10.89
C PHE A 99 -14.01 -17.32 -10.31
N THR A 100 -14.27 -16.73 -9.15
CA THR A 100 -13.24 -15.89 -8.57
C THR A 100 -13.30 -16.07 -7.06
N ILE A 101 -12.28 -15.62 -6.38
CA ILE A 101 -12.26 -15.56 -4.94
C ILE A 101 -12.08 -14.12 -4.49
N LYS A 102 -13.00 -13.64 -3.68
CA LYS A 102 -12.76 -12.38 -3.01
C LYS A 102 -12.82 -12.54 -1.50
N MET A 103 -12.63 -11.43 -0.78
CA MET A 103 -12.84 -11.35 0.68
C MET A 103 -14.15 -10.59 1.06
N ASP A 104 -14.69 -10.86 2.27
CA ASP A 104 -15.80 -10.00 2.81
C ASP A 104 -15.16 -8.68 3.26
N ALA A 105 -16.00 -7.68 3.55
CA ALA A 105 -15.51 -6.35 3.92
C ALA A 105 -14.46 -6.41 5.00
N SER A 106 -14.57 -7.33 5.95
CA SER A 106 -13.57 -7.44 7.03
C SER A 106 -12.25 -8.10 6.58
N GLN A 107 -12.20 -8.55 5.32
CA GLN A 107 -11.04 -9.34 4.82
C GLN A 107 -10.59 -10.40 5.85
N THR A 108 -11.53 -11.19 6.35
CA THR A 108 -11.23 -12.30 7.25
C THR A 108 -11.89 -13.60 6.76
N GLN A 109 -12.62 -13.47 5.65
CA GLN A 109 -13.27 -14.57 5.00
C GLN A 109 -12.96 -14.47 3.53
N PHE A 110 -12.52 -15.58 2.96
CA PHE A 110 -12.41 -15.72 1.50
C PHE A 110 -13.73 -16.26 1.07
N LEU A 111 -14.27 -15.68 -0.01
CA LEU A 111 -15.55 -16.05 -0.56
C LEU A 111 -15.34 -16.67 -1.92
N LEU A 112 -15.72 -17.92 -2.09
CA LEU A 112 -15.57 -18.60 -3.36
C LEU A 112 -16.81 -18.24 -4.15
N MET A 113 -16.60 -17.58 -5.30
CA MET A 113 -17.68 -16.95 -6.10
C MET A 113 -17.73 -17.51 -7.49
N VAL A 114 -18.93 -17.96 -7.85
CA VAL A 114 -19.22 -18.47 -9.17
C VAL A 114 -20.19 -17.44 -9.75
N GLY A 115 -19.63 -16.40 -10.38
CA GLY A 115 -20.42 -15.24 -10.79
C GLY A 115 -20.72 -14.48 -9.53
N ASP A 116 -21.99 -14.30 -9.26
CA ASP A 116 -22.46 -13.63 -8.04
C ASP A 116 -22.82 -14.58 -6.86
N THR A 117 -22.89 -15.90 -7.12
CA THR A 117 -23.19 -16.90 -6.09
C THR A 117 -21.95 -17.24 -5.22
N VAL A 118 -22.09 -17.08 -3.90
CA VAL A 118 -21.04 -17.50 -2.94
C VAL A 118 -21.35 -18.92 -2.60
N ILE A 119 -20.52 -19.78 -3.14
CA ILE A 119 -20.71 -21.20 -3.13
C ILE A 119 -20.19 -21.76 -1.79
N SER A 120 -19.24 -21.08 -1.16
CA SER A 120 -18.59 -21.55 0.09
C SER A 120 -17.70 -20.44 0.59
N GLN A 121 -17.29 -20.52 1.88
CA GLN A 121 -16.39 -19.53 2.46
C GLN A 121 -15.36 -20.20 3.35
N SER A 122 -14.26 -19.49 3.64
CA SER A 122 -13.35 -19.95 4.68
C SER A 122 -12.74 -18.84 5.49
N ASN A 123 -12.78 -18.99 6.82
CA ASN A 123 -12.10 -18.06 7.74
C ASN A 123 -10.63 -18.25 7.44
N ILE A 124 -9.91 -17.14 7.46
CA ILE A 124 -8.46 -17.15 7.24
C ILE A 124 -7.71 -17.78 8.43
N LYS A 125 -8.24 -17.60 9.63
CA LYS A 125 -7.68 -18.27 10.79
C LYS A 125 -7.84 -19.80 10.74
N ASP A 126 -8.91 -20.30 10.10
CA ASP A 126 -9.05 -21.73 9.87
C ASP A 126 -8.13 -22.22 8.77
N ILE A 127 -7.99 -21.49 7.67
CA ILE A 127 -7.01 -21.80 6.62
C ILE A 127 -5.60 -21.85 7.16
N LEU A 128 -5.24 -20.91 8.03
CA LEU A 128 -3.91 -20.86 8.61
C LEU A 128 -3.68 -21.84 9.78
N ASN A 129 -4.75 -22.47 10.26
CA ASN A 129 -4.68 -23.33 11.46
C ASN A 129 -4.16 -22.53 12.61
N ILE A 130 -4.70 -21.34 12.77
CA ILE A 130 -4.29 -20.52 13.90
C ILE A 130 -5.35 -20.33 15.00
N SER A 131 -4.84 -20.15 16.20
CA SER A 131 -5.68 -20.07 17.36
C SER A 131 -6.39 -18.71 17.41
N ASP A 132 -7.38 -18.54 16.52
CA ASP A 132 -8.62 -17.73 16.72
C ASP A 132 -8.55 -16.30 17.33
N ASP A 133 -8.18 -16.16 18.61
CA ASP A 133 -7.82 -14.84 19.18
C ASP A 133 -6.43 -14.33 18.68
N ALA A 134 -5.96 -14.89 17.56
CA ALA A 134 -4.67 -14.54 17.05
C ALA A 134 -4.80 -13.37 16.08
N VAL A 135 -3.86 -12.42 16.15
CA VAL A 135 -3.96 -11.21 15.34
C VAL A 135 -3.45 -11.48 13.94
N ILE A 136 -4.26 -11.18 12.94
CA ILE A 136 -3.81 -11.23 11.57
C ILE A 136 -3.67 -9.80 11.08
N GLU A 137 -2.49 -9.43 10.60
CA GLU A 137 -2.26 -8.12 9.94
C GLU A 137 -2.88 -8.08 8.53
N SER A 138 -3.39 -6.95 8.08
CA SER A 138 -4.05 -7.02 6.78
C SER A 138 -3.10 -7.08 5.58
N MET A 139 -3.54 -7.71 4.48
CA MET A 139 -2.69 -7.75 3.26
C MET A 139 -3.17 -6.86 2.13
N SER A 140 -2.22 -6.32 1.38
CA SER A 140 -2.64 -5.64 0.15
C SER A 140 -3.31 -6.66 -0.78
N ARG A 141 -3.99 -6.17 -1.82
CA ARG A 141 -4.54 -6.99 -2.89
C ARG A 141 -3.49 -7.90 -3.56
N GLU A 142 -2.31 -7.37 -3.90
CA GLU A 142 -1.15 -8.21 -4.34
C GLU A 142 -0.84 -9.42 -3.44
N GLU A 143 -0.86 -9.16 -2.13
CA GLU A 143 -0.28 -10.06 -1.11
C GLU A 143 -1.23 -11.23 -0.86
N ARG A 144 -2.49 -10.86 -0.79
CA ARG A 144 -3.59 -11.78 -0.82
C ARG A 144 -3.58 -12.74 -2.00
N GLN A 145 -3.56 -12.26 -3.26
CA GLN A 145 -3.34 -13.14 -4.41
C GLN A 145 -2.13 -14.04 -4.30
N LEU A 146 -0.99 -13.56 -3.82
CA LEU A 146 0.11 -14.48 -3.58
C LEU A 146 -0.18 -15.56 -2.50
N PHE A 147 -0.82 -15.13 -1.41
CA PHE A 147 -1.15 -16.00 -0.23
C PHE A 147 -2.02 -17.12 -0.75
N LEU A 148 -2.91 -16.76 -1.65
CA LEU A 148 -3.91 -17.69 -2.13
C LEU A 148 -3.23 -18.71 -3.07
N GLN A 149 -2.21 -18.24 -3.79
CA GLN A 149 -1.47 -19.07 -4.77
C GLN A 149 -0.70 -20.13 -4.00
N ILE A 150 -0.21 -19.76 -2.83
CA ILE A 150 0.54 -20.68 -2.00
C ILE A 150 -0.45 -21.67 -1.42
N CYS A 151 -1.63 -21.19 -1.04
CA CYS A 151 -2.72 -22.04 -0.60
C CYS A 151 -3.02 -23.10 -1.64
N GLU A 152 -3.14 -22.74 -2.93
CA GLU A 152 -3.43 -23.71 -3.98
C GLU A 152 -2.37 -24.82 -3.98
N VAL A 153 -1.10 -24.43 -3.91
CA VAL A 153 -0.03 -25.36 -4.12
C VAL A 153 -0.01 -26.31 -2.96
N ILE A 154 -0.16 -25.77 -1.75
CA ILE A 154 -0.14 -26.56 -0.54
C ILE A 154 -1.30 -27.56 -0.55
N GLY A 155 -2.46 -27.05 -1.01
CA GLY A 155 -3.68 -27.82 -1.06
C GLY A 155 -3.50 -28.93 -2.06
N SER A 156 -2.96 -28.62 -3.21
CA SER A 156 -2.71 -29.63 -4.19
C SER A 156 -1.67 -30.70 -3.80
N LYS A 157 -0.69 -30.38 -2.94
CA LYS A 157 0.30 -31.39 -2.54
C LYS A 157 -0.32 -32.28 -1.53
N MET A 158 -1.16 -31.71 -0.67
CA MET A 158 -1.73 -32.46 0.39
C MET A 158 -2.86 -33.38 -0.13
N THR A 159 -3.38 -33.09 -1.33
CA THR A 159 -4.55 -33.75 -1.91
C THR A 159 -4.08 -34.93 -2.78
N TRP A 160 -3.15 -34.65 -3.69
CA TRP A 160 -2.68 -35.67 -4.57
C TRP A 160 -1.41 -36.37 -4.05
N HIS A 161 -0.75 -35.84 -3.01
CA HIS A 161 0.50 -36.46 -2.53
C HIS A 161 0.61 -36.50 -1.06
N PRO A 162 -0.34 -37.18 -0.41
CA PRO A 162 -0.44 -37.32 1.01
C PRO A 162 0.82 -38.04 1.59
N GLU A 163 1.53 -38.80 0.74
CA GLU A 163 2.75 -39.50 1.16
C GLU A 163 3.71 -38.44 1.66
N LEU A 164 3.70 -37.25 1.02
CA LEU A 164 4.65 -36.18 1.35
C LEU A 164 4.66 -35.87 2.82
N LEU A 165 3.49 -35.59 3.41
CA LEU A 165 3.45 -35.18 4.83
C LEU A 165 3.43 -36.37 5.80
N GLN A 166 3.08 -37.54 5.24
CA GLN A 166 3.09 -38.79 5.95
C GLN A 166 4.49 -39.05 6.51
N GLU A 167 5.51 -38.76 5.71
CA GLU A 167 6.89 -38.54 6.17
C GLU A 167 7.09 -37.46 7.28
N SER A 168 7.04 -36.18 6.91
CA SER A 168 7.25 -35.07 7.86
C SER A 168 6.72 -33.75 7.28
N ILE A 169 6.57 -32.69 8.09
CA ILE A 169 6.20 -31.37 7.56
C ILE A 169 7.23 -30.83 6.57
N SER A 170 8.51 -31.06 6.88
CA SER A 170 9.59 -30.52 6.09
C SER A 170 9.52 -31.10 4.70
N THR A 171 9.11 -32.36 4.58
CA THR A 171 9.00 -32.99 3.23
C THR A 171 7.87 -32.41 2.41
N LEU A 172 6.71 -32.19 3.03
CA LEU A 172 5.64 -31.37 2.42
C LEU A 172 6.15 -29.98 2.02
N ARG A 173 6.74 -29.27 2.99
CA ARG A 173 7.17 -27.88 2.80
C ARG A 173 8.21 -27.69 1.67
N LYS A 174 9.19 -28.60 1.58
CA LYS A 174 10.21 -28.63 0.52
C LYS A 174 9.53 -28.57 -0.82
N GLU A 175 8.44 -29.34 -0.94
CA GLU A 175 7.75 -29.44 -2.21
C GLU A 175 7.04 -28.18 -2.48
N VAL A 176 6.54 -27.58 -1.43
CA VAL A 176 5.85 -26.28 -1.62
C VAL A 176 6.92 -25.20 -1.91
N THR A 177 7.89 -25.06 -0.97
CA THR A 177 8.92 -23.97 -1.07
C THR A 177 9.81 -24.14 -2.32
N GLY A 178 10.05 -25.40 -2.70
CA GLY A 178 10.83 -25.73 -3.92
C GLY A 178 10.08 -25.53 -5.23
N ASN A 179 8.77 -25.37 -5.16
CA ASN A 179 7.90 -25.27 -6.32
C ASN A 179 8.15 -24.08 -7.27
N ALA A 180 8.44 -24.39 -8.51
CA ALA A 180 8.75 -23.41 -9.54
C ALA A 180 7.88 -22.17 -9.60
N GLN A 181 6.60 -22.34 -9.87
CA GLN A 181 5.73 -21.14 -10.01
C GLN A 181 5.54 -20.33 -8.70
N ILE A 182 5.57 -21.00 -7.54
CA ILE A 182 5.55 -20.32 -6.20
C ILE A 182 6.86 -19.49 -6.10
N LYS A 183 8.03 -20.13 -6.14
CA LYS A 183 9.31 -19.39 -6.33
C LYS A 183 9.21 -18.18 -7.23
N THR A 184 8.87 -18.44 -8.48
CA THR A 184 8.66 -17.40 -9.46
C THR A 184 7.69 -16.31 -8.99
N ALA A 185 6.55 -16.70 -8.39
CA ALA A 185 5.59 -15.71 -7.91
C ALA A 185 6.11 -14.92 -6.69
N VAL A 186 6.68 -15.59 -5.72
CA VAL A 186 7.27 -14.87 -4.60
C VAL A 186 8.34 -13.83 -5.07
N TYR A 187 9.34 -14.22 -5.88
CA TYR A 187 10.36 -13.25 -6.42
C TYR A 187 9.76 -12.13 -7.27
N GLU A 188 8.74 -12.44 -8.06
CA GLU A 188 8.15 -11.44 -8.96
C GLU A 188 7.48 -10.29 -8.16
N MET A 189 6.79 -10.69 -7.10
CA MET A 189 6.19 -9.67 -6.25
C MET A 189 7.29 -8.92 -5.40
N MET A 190 8.21 -9.65 -4.72
CA MET A 190 9.10 -8.94 -3.72
C MET A 190 10.40 -8.42 -4.23
N ARG A 191 11.02 -9.14 -5.19
CA ARG A 191 12.32 -8.71 -5.76
C ARG A 191 12.20 -8.87 -7.25
N PRO A 192 11.36 -8.02 -7.91
CA PRO A 192 11.02 -8.39 -9.31
C PRO A 192 12.28 -8.45 -10.17
N ALA A 193 13.31 -7.66 -9.87
CA ALA A 193 14.46 -7.67 -10.73
C ALA A 193 15.51 -8.73 -10.37
N GLU A 194 15.24 -9.52 -9.33
CA GLU A 194 16.20 -10.57 -8.97
C GLU A 194 15.63 -11.97 -9.35
N ALA A 195 16.39 -12.73 -10.10
CA ALA A 195 15.96 -14.07 -10.45
C ALA A 195 16.14 -14.93 -9.20
N PRO A 196 15.16 -15.84 -8.93
CA PRO A 196 15.15 -16.75 -7.80
C PRO A 196 16.45 -17.49 -7.67
N ASP A 197 17.18 -17.50 -8.77
CA ASP A 197 18.33 -18.24 -8.95
C ASP A 197 19.57 -17.44 -8.63
N HIS A 198 19.39 -16.14 -8.45
CA HIS A 198 20.47 -15.18 -8.21
C HIS A 198 21.59 -15.73 -7.33
N PRO A 199 22.84 -15.65 -7.82
CA PRO A 199 23.93 -16.14 -6.99
C PRO A 199 24.30 -15.14 -5.88
N LEU A 200 24.57 -15.67 -4.70
CA LEU A 200 24.85 -14.83 -3.52
C LEU A 200 26.00 -13.87 -3.74
N VAL A 201 25.87 -12.68 -3.17
CA VAL A 201 26.95 -11.74 -3.12
C VAL A 201 27.63 -11.86 -1.76
N GLU A 202 28.97 -11.88 -1.79
CA GLU A 202 29.83 -11.96 -0.57
C GLU A 202 29.71 -10.73 0.38
N TRP A 203 29.30 -11.04 1.62
CA TRP A 203 29.13 -10.09 2.72
C TRP A 203 30.35 -9.19 2.95
N GLN A 204 30.18 -7.87 2.91
CA GLN A 204 31.29 -6.97 3.32
C GLN A 204 30.72 -6.02 4.31
N ASP A 205 31.22 -6.11 5.53
CA ASP A 205 30.56 -5.44 6.61
C ASP A 205 30.95 -3.96 6.73
N SER A 206 30.09 -3.05 6.29
CA SER A 206 30.32 -1.66 6.50
C SER A 206 29.39 -1.05 7.58
N LEU A 207 28.79 -1.88 8.46
CA LEU A 207 27.73 -1.39 9.37
C LEU A 207 28.38 -1.05 10.70
N THR A 208 27.93 0.02 11.32
CA THR A 208 28.43 0.40 12.61
C THR A 208 27.66 -0.43 13.64
N ALA A 209 28.12 -0.44 14.88
CA ALA A 209 27.42 -1.20 15.91
C ALA A 209 25.95 -0.68 16.06
N ASP A 210 25.74 0.64 15.97
CA ASP A 210 24.34 1.22 16.03
C ASP A 210 23.41 0.67 14.89
N GLU A 211 23.93 0.65 13.65
CA GLU A 211 23.20 0.07 12.48
C GLU A 211 22.82 -1.39 12.64
N LYS A 212 23.73 -2.20 13.14
CA LYS A 212 23.40 -3.57 13.36
C LYS A 212 22.33 -3.72 14.41
N SER A 213 22.41 -2.92 15.48
CA SER A 213 21.29 -2.85 16.42
C SER A 213 19.95 -2.45 15.80
N MET A 214 19.94 -1.36 15.02
CA MET A 214 18.73 -0.93 14.32
C MET A 214 18.14 -2.07 13.46
N LEU A 215 19.00 -2.91 12.84
CA LEU A 215 18.54 -4.06 12.05
C LEU A 215 18.01 -5.30 12.82
N ALA A 216 18.28 -5.36 14.11
CA ALA A 216 18.04 -6.55 14.89
C ALA A 216 16.56 -7.04 14.76
N CYS A 217 15.65 -6.06 14.74
CA CYS A 217 14.26 -6.31 14.71
C CYS A 217 13.71 -6.98 13.44
N ILE A 218 14.40 -6.88 12.29
CA ILE A 218 13.88 -7.54 11.08
C ILE A 218 14.18 -9.02 11.03
N ASN A 219 14.81 -9.54 12.10
CA ASN A 219 15.21 -10.96 12.17
C ASN A 219 15.30 -11.38 13.64
N ALA A 220 14.29 -10.99 14.40
CA ALA A 220 14.08 -11.55 15.75
C ALA A 220 15.16 -11.12 16.76
N GLY A 221 15.64 -9.86 16.66
CA GLY A 221 16.62 -9.34 17.63
C GLY A 221 18.05 -9.88 17.56
N ASN A 222 18.32 -10.71 16.55
CA ASN A 222 19.69 -11.18 16.22
C ASN A 222 20.26 -10.32 15.10
N PHE A 223 21.58 -10.19 15.00
CA PHE A 223 22.17 -9.77 13.73
C PHE A 223 23.05 -10.90 13.21
N GLU A 224 22.56 -11.61 12.19
CA GLU A 224 23.33 -12.62 11.46
C GLU A 224 23.35 -12.23 9.97
N PRO A 225 24.55 -11.88 9.42
CA PRO A 225 24.51 -11.38 8.00
C PRO A 225 23.96 -12.40 6.96
N THR A 226 24.14 -13.69 7.20
CA THR A 226 23.62 -14.62 6.24
C THR A 226 22.12 -14.83 6.32
N THR A 227 21.42 -14.28 7.33
CA THR A 227 19.98 -14.55 7.43
C THR A 227 19.18 -13.32 7.62
N GLN A 228 19.83 -12.19 7.91
CA GLN A 228 19.11 -10.96 8.29
C GLN A 228 18.11 -10.48 7.25
N PHE A 229 18.35 -10.81 5.99
CA PHE A 229 17.59 -10.21 4.91
C PHE A 229 16.57 -11.13 4.21
N CYS A 230 16.39 -12.36 4.72
CA CYS A 230 15.46 -13.36 4.09
C CYS A 230 14.04 -12.89 3.96
N LYS A 231 13.60 -11.94 4.77
CA LYS A 231 12.26 -11.41 4.59
C LYS A 231 12.15 -10.10 3.84
N ILE A 232 13.24 -9.52 3.33
CA ILE A 232 13.14 -8.21 2.71
C ILE A 232 13.01 -8.29 1.18
N GLY A 233 12.07 -7.53 0.64
CA GLY A 233 12.00 -7.30 -0.77
C GLY A 233 12.44 -5.91 -1.20
N TYR A 234 12.65 -5.72 -2.50
CA TYR A 234 13.11 -4.48 -3.06
C TYR A 234 12.80 -4.39 -4.56
N GLN A 235 12.49 -3.18 -5.01
CA GLN A 235 12.38 -2.85 -6.44
C GLN A 235 12.80 -1.42 -6.63
N GLU A 236 13.35 -1.14 -7.81
CA GLU A 236 13.78 0.14 -8.19
C GLU A 236 12.60 0.69 -9.02
N VAL A 237 12.20 1.92 -8.70
CA VAL A 237 11.02 2.54 -9.28
C VAL A 237 11.35 4.02 -9.41
N GLN A 238 11.33 4.52 -10.64
CA GLN A 238 11.76 5.89 -10.99
C GLN A 238 12.99 6.35 -10.19
N GLY A 239 14.08 5.58 -10.27
CA GLY A 239 15.34 6.03 -9.72
C GLY A 239 15.51 5.84 -8.21
N GLU A 240 14.53 5.27 -7.55
CA GLU A 240 14.59 5.08 -6.13
C GLU A 240 14.50 3.57 -5.90
N VAL A 241 15.13 3.05 -4.84
CA VAL A 241 14.94 1.65 -4.44
C VAL A 241 14.00 1.64 -3.24
N ALA A 242 12.95 0.84 -3.34
CA ALA A 242 11.94 0.79 -2.32
C ALA A 242 12.04 -0.59 -1.65
N PHE A 243 12.21 -0.61 -0.34
CA PHE A 243 12.21 -1.86 0.45
C PHE A 243 10.88 -2.13 1.04
N SER A 244 10.69 -3.43 1.39
CA SER A 244 9.48 -4.03 1.94
C SER A 244 9.82 -5.19 2.77
N MET A 245 8.92 -5.55 3.64
CA MET A 245 9.01 -6.83 4.31
C MET A 245 7.91 -7.84 3.88
N MET A 246 8.29 -9.10 3.78
CA MET A 246 7.37 -10.15 3.47
C MET A 246 6.25 -10.11 4.55
N HIS A 247 5.01 -10.02 4.08
CA HIS A 247 3.84 -10.10 4.93
C HIS A 247 3.93 -11.31 5.85
N PRO A 248 3.72 -11.16 7.16
CA PRO A 248 3.84 -12.31 8.07
C PRO A 248 2.92 -13.52 7.73
N CYS A 249 1.72 -13.30 7.17
CA CYS A 249 0.94 -14.51 6.73
C CYS A 249 1.66 -15.31 5.62
N ILE A 250 2.37 -14.60 4.74
CA ILE A 250 3.01 -15.27 3.62
C ILE A 250 4.25 -15.96 4.14
N SER A 251 5.09 -15.26 4.89
CA SER A 251 6.19 -16.01 5.49
C SER A 251 5.76 -17.18 6.43
N TYR A 252 4.64 -17.01 7.15
CA TYR A 252 4.17 -18.06 8.03
C TYR A 252 3.78 -19.27 7.20
N LEU A 253 2.98 -19.02 6.18
CA LEU A 253 2.46 -20.11 5.39
C LEU A 253 3.57 -20.85 4.61
N LEU A 254 4.58 -20.10 4.12
CA LEU A 254 5.76 -20.74 3.49
C LEU A 254 6.59 -21.55 4.44
N HIS A 255 6.93 -21.02 5.61
CA HIS A 255 8.03 -21.61 6.42
C HIS A 255 7.69 -22.11 7.79
N SER A 256 6.55 -21.69 8.31
CA SER A 256 6.15 -22.12 9.67
C SER A 256 4.84 -22.93 9.81
N TYR A 257 4.02 -22.93 8.77
CA TYR A 257 2.70 -23.56 8.81
C TYR A 257 2.78 -25.04 9.17
N SER A 258 2.04 -25.47 10.19
CA SER A 258 1.73 -26.89 10.38
C SER A 258 0.23 -27.17 10.25
N PRO A 259 -0.14 -28.15 9.38
CA PRO A 259 -1.53 -28.51 9.15
C PRO A 259 -2.12 -29.30 10.30
N PHE A 260 -1.26 -29.83 11.17
CA PHE A 260 -1.66 -30.67 12.29
C PHE A 260 -2.49 -29.88 13.27
N SER A 261 -3.65 -30.44 13.60
CA SER A 261 -4.62 -29.72 14.35
C SER A 261 -4.22 -29.38 15.77
N GLU A 262 -3.35 -30.21 16.33
CA GLU A 262 -3.10 -30.24 17.78
C GLU A 262 -2.16 -29.13 18.27
N PHE A 263 -1.26 -28.68 17.40
CA PHE A 263 -0.48 -27.50 17.67
C PHE A 263 -1.12 -26.32 16.92
N LYS A 264 -2.23 -25.85 17.48
CA LYS A 264 -2.85 -24.63 17.01
C LYS A 264 -2.11 -23.43 17.64
N PRO A 265 -1.71 -23.55 18.94
CA PRO A 265 -1.09 -22.44 19.71
C PRO A 265 0.38 -22.17 19.38
N THR A 266 0.99 -23.13 18.71
CA THR A 266 2.39 -23.11 18.35
C THR A 266 2.56 -22.37 17.03
N ASN A 267 1.69 -22.71 16.08
CA ASN A 267 1.43 -21.91 14.89
C ASN A 267 1.23 -20.42 15.26
N SER A 268 0.27 -20.15 16.14
CA SER A 268 0.00 -18.80 16.66
C SER A 268 1.19 -18.01 17.24
N GLY A 269 2.05 -18.70 18.01
CA GLY A 269 3.30 -18.17 18.49
C GLY A 269 4.22 -17.72 17.36
N PHE A 270 4.38 -18.55 16.34
CA PHE A 270 5.19 -18.24 15.20
C PHE A 270 4.60 -16.99 14.50
N LEU A 271 3.28 -16.86 14.48
CA LEU A 271 2.67 -15.81 13.70
C LEU A 271 2.86 -14.46 14.41
N LYS A 272 2.76 -14.49 15.73
CA LYS A 272 2.86 -13.29 16.55
C LYS A 272 4.28 -12.73 16.40
N LYS A 273 5.28 -13.63 16.41
CA LYS A 273 6.67 -13.30 16.19
C LYS A 273 6.84 -12.62 14.83
N LEU A 274 6.35 -13.21 13.76
CA LEU A 274 6.48 -12.57 12.47
C LEU A 274 5.73 -11.24 12.41
N ASN A 275 4.54 -11.22 13.04
CA ASN A 275 3.86 -9.95 13.32
C ASN A 275 4.70 -8.85 13.95
N GLN A 276 5.44 -9.23 15.00
CA GLN A 276 6.19 -8.30 15.80
C GLN A 276 7.31 -7.67 14.97
N ASP A 277 8.09 -8.50 14.28
CA ASP A 277 9.12 -8.02 13.39
C ASP A 277 8.58 -7.11 12.31
N TYR A 278 7.48 -7.54 11.73
CA TYR A 278 6.80 -6.75 10.71
C TYR A 278 6.44 -5.37 11.23
N ASN A 279 5.88 -5.33 12.42
CA ASN A 279 5.43 -4.07 13.00
C ASN A 279 6.62 -3.19 13.41
N ASP A 280 7.67 -3.82 13.95
CA ASP A 280 8.89 -3.08 14.32
C ASP A 280 9.44 -2.47 13.08
N TYR A 281 9.50 -3.25 12.00
CA TYR A 281 10.15 -2.77 10.79
C TYR A 281 9.39 -1.48 10.32
N HIS A 282 8.05 -1.55 10.24
CA HIS A 282 7.29 -0.38 9.84
C HIS A 282 7.34 0.80 10.80
N ALA A 283 7.37 0.53 12.09
CA ALA A 283 7.55 1.65 13.02
C ALA A 283 8.91 2.38 12.74
N LYS A 284 9.94 1.65 12.31
CA LYS A 284 11.28 2.22 12.22
C LYS A 284 11.80 2.24 10.76
N LYS A 285 10.88 2.17 9.82
CA LYS A 285 11.17 2.02 8.42
C LYS A 285 12.13 3.10 7.92
N MET A 286 11.91 4.34 8.33
CA MET A 286 12.75 5.41 7.80
C MET A 286 14.22 5.35 8.29
N PHE A 287 14.51 4.56 9.34
CA PHE A 287 15.93 4.35 9.82
C PHE A 287 16.45 3.13 9.16
N ILE A 288 15.64 2.07 9.19
CA ILE A 288 16.02 0.77 8.59
C ILE A 288 16.28 0.86 7.07
N ASP A 289 15.42 1.59 6.37
CA ASP A 289 15.62 1.67 4.88
C ASP A 289 16.91 2.36 4.50
N VAL A 290 17.28 3.39 5.25
CA VAL A 290 18.58 4.04 5.00
C VAL A 290 19.67 3.00 5.03
N ILE A 291 19.62 2.13 6.02
CA ILE A 291 20.67 1.11 6.15
C ILE A 291 20.60 -0.02 5.10
N LEU A 292 19.40 -0.50 4.84
CA LEU A 292 19.16 -1.43 3.73
C LEU A 292 19.69 -0.87 2.45
N GLU A 293 19.41 0.40 2.21
CA GLU A 293 19.87 0.99 0.93
C GLU A 293 21.38 0.91 0.82
N LYS A 294 22.05 1.14 1.98
CA LYS A 294 23.52 1.13 2.02
C LYS A 294 23.99 -0.27 1.71
N LEU A 295 23.39 -1.26 2.35
CA LEU A 295 23.75 -2.66 2.12
C LEU A 295 23.46 -3.09 0.66
N TYR A 296 22.32 -2.65 0.12
CA TYR A 296 21.91 -3.09 -1.23
C TYR A 296 22.90 -2.53 -2.23
N LEU A 297 23.30 -1.25 -2.04
CA LEU A 297 24.20 -0.56 -2.97
C LEU A 297 25.61 -1.13 -2.90
N THR A 298 25.94 -1.76 -1.77
CA THR A 298 27.27 -2.34 -1.56
C THR A 298 27.32 -3.85 -1.68
N HIS A 299 26.19 -4.44 -2.05
CA HIS A 299 26.16 -5.80 -2.42
C HIS A 299 25.48 -6.05 -3.79
N GLU A 300 25.94 -5.26 -4.78
CA GLU A 300 25.64 -5.50 -6.19
C GLU A 300 24.15 -5.44 -6.37
N ARG A 301 23.51 -4.48 -5.71
CA ARG A 301 22.07 -4.26 -5.80
C ARG A 301 21.26 -5.52 -5.51
N SER A 302 21.63 -6.17 -4.41
CA SER A 302 20.91 -7.33 -3.87
C SER A 302 21.04 -7.35 -2.32
N LEU A 303 20.11 -7.98 -1.61
CA LEU A 303 20.38 -8.32 -0.21
C LEU A 303 20.55 -9.81 -0.06
N HIS A 304 20.78 -10.49 -1.19
CA HIS A 304 21.06 -11.93 -1.20
C HIS A 304 22.53 -12.08 -0.94
N ILE A 305 22.83 -11.94 0.36
CA ILE A 305 24.19 -11.82 0.88
C ILE A 305 24.54 -13.13 1.54
N GLY A 306 25.73 -13.65 1.24
CA GLY A 306 26.19 -14.87 1.86
C GLY A 306 27.58 -14.64 2.43
N LYS A 307 28.08 -15.64 3.15
CA LYS A 307 29.44 -15.66 3.60
C LYS A 307 29.93 -17.07 3.33
N ASP A 308 31.19 -17.14 2.88
CA ASP A 308 31.89 -18.39 2.55
C ASP A 308 31.03 -19.35 1.73
N GLY A 309 30.24 -18.80 0.79
CA GLY A 309 29.25 -19.57 0.00
C GLY A 309 27.94 -20.09 0.63
N CYS A 310 27.55 -19.59 1.81
CA CYS A 310 26.36 -20.19 2.52
C CYS A 310 25.06 -19.41 2.85
N SER A 311 24.51 -18.67 1.90
CA SER A 311 23.33 -17.83 2.21
C SER A 311 21.99 -18.52 2.54
N ARG A 312 21.28 -17.94 3.50
CA ARG A 312 19.85 -18.13 3.67
C ARG A 312 19.15 -16.79 3.58
N ASN A 313 19.68 -15.90 2.74
CA ASN A 313 18.99 -14.65 2.45
C ASN A 313 18.11 -14.73 1.17
N ILE A 314 17.82 -15.96 0.72
CA ILE A 314 16.82 -16.17 -0.36
C ILE A 314 15.45 -15.94 0.22
N LEU A 315 14.42 -15.61 -0.57
CA LEU A 315 13.04 -15.48 -0.02
C LEU A 315 12.47 -16.85 0.33
N LEU A 316 12.79 -17.83 -0.50
CA LEU A 316 12.42 -19.22 -0.25
C LEU A 316 13.23 -20.04 -1.22
N THR A 317 13.54 -21.27 -0.83
CA THR A 317 14.10 -22.18 -1.79
C THR A 317 13.50 -23.61 -1.69
N LYS B 30 -5.77 33.77 -15.35
CA LYS B 30 -6.31 35.18 -15.44
C LYS B 30 -5.25 36.23 -15.02
N ALA B 31 -5.43 37.48 -15.45
CA ALA B 31 -4.43 38.56 -15.35
C ALA B 31 -3.64 38.65 -14.03
N ILE B 32 -2.36 38.96 -14.14
CA ILE B 32 -1.49 39.13 -12.99
C ILE B 32 -1.33 40.60 -12.69
N HIS B 33 -1.50 40.97 -11.43
CA HIS B 33 -1.37 42.37 -11.03
C HIS B 33 -0.05 42.69 -10.31
N MET B 34 0.68 41.63 -9.94
CA MET B 34 2.00 41.64 -9.33
C MET B 34 2.79 42.82 -9.80
N GLY B 35 3.17 43.68 -8.87
CA GLY B 35 4.13 44.74 -9.16
C GLY B 35 3.96 45.58 -10.42
N GLY B 36 2.72 45.89 -10.78
CA GLY B 36 2.47 46.81 -11.90
C GLY B 36 2.33 46.14 -13.25
N TRP B 37 2.22 44.81 -13.24
CA TRP B 37 2.21 44.06 -14.49
C TRP B 37 1.04 44.37 -15.45
N ASP B 38 -0.09 44.84 -14.90
CA ASP B 38 -1.21 45.45 -15.66
C ASP B 38 -0.71 46.24 -16.86
N LYS B 39 -0.06 47.38 -16.56
CA LYS B 39 0.50 48.32 -17.54
C LYS B 39 1.86 47.88 -18.06
N VAL B 40 2.73 47.46 -17.14
CA VAL B 40 4.15 47.23 -17.42
C VAL B 40 4.28 46.28 -18.60
N GLN B 41 3.24 45.46 -18.76
CA GLN B 41 3.31 44.33 -19.69
C GLN B 41 3.42 44.71 -21.15
N ASP B 42 2.85 45.87 -21.50
CA ASP B 42 2.88 46.34 -22.88
C ASP B 42 4.27 46.82 -23.29
N HIS B 43 5.28 46.66 -22.43
CA HIS B 43 6.65 47.10 -22.79
C HIS B 43 7.48 45.93 -23.33
N PHE B 44 6.86 44.76 -23.38
CA PHE B 44 7.59 43.59 -23.78
C PHE B 44 6.83 42.83 -24.87
N ARG B 45 7.56 42.38 -25.87
CA ARG B 45 7.05 41.45 -26.89
C ARG B 45 6.40 40.19 -26.30
N ALA B 46 5.48 39.58 -27.05
CA ALA B 46 4.74 38.47 -26.48
C ALA B 46 5.72 37.34 -26.12
N GLU B 47 6.85 37.26 -26.83
CA GLU B 47 7.80 36.17 -26.70
C GLU B 47 8.74 36.33 -25.50
N LYS B 48 8.70 37.51 -24.87
CA LYS B 48 9.58 37.78 -23.73
C LYS B 48 8.77 37.98 -22.46
N LYS B 49 7.46 37.86 -22.53
CA LYS B 49 6.65 38.18 -21.36
C LYS B 49 6.82 37.26 -20.19
N ASP B 50 6.94 35.97 -20.46
CA ASP B 50 7.11 35.05 -19.33
C ASP B 50 8.45 35.30 -18.61
N HIS B 51 9.51 35.42 -19.41
CA HIS B 51 10.86 35.78 -18.90
C HIS B 51 10.72 37.08 -18.08
N ALA B 52 10.04 38.10 -18.64
CA ALA B 52 9.97 39.38 -17.95
C ALA B 52 9.24 39.26 -16.64
N LEU B 53 8.22 38.38 -16.59
CA LEU B 53 7.49 38.14 -15.35
C LEU B 53 8.34 37.47 -14.26
N GLU B 54 9.21 36.57 -14.66
CA GLU B 54 10.15 35.92 -13.71
C GLU B 54 11.07 36.97 -13.13
N VAL B 55 11.65 37.82 -13.98
CA VAL B 55 12.56 38.94 -13.49
C VAL B 55 11.77 39.84 -12.61
N LEU B 56 10.51 40.13 -12.98
CA LEU B 56 9.66 41.00 -12.19
C LEU B 56 9.39 40.37 -10.82
N HIS B 57 9.09 39.10 -10.79
CA HIS B 57 8.87 38.38 -9.51
C HIS B 57 10.17 38.45 -8.67
N SER B 58 11.27 38.20 -9.33
CA SER B 58 12.48 38.26 -8.59
C SER B 58 12.76 39.72 -8.02
N ILE B 59 12.46 40.79 -8.77
CA ILE B 59 12.49 42.14 -8.19
C ILE B 59 11.56 42.29 -6.96
N ILE B 60 10.41 41.63 -7.00
CA ILE B 60 9.30 41.88 -6.05
C ILE B 60 9.32 41.01 -4.78
N HIS B 61 9.72 39.75 -4.92
CA HIS B 61 9.68 38.79 -3.79
C HIS B 61 10.80 39.08 -2.80
N GLU B 70 2.18 42.69 6.30
CA GLU B 70 1.58 41.46 6.87
C GLU B 70 2.58 40.76 7.83
N MET B 71 2.58 39.42 7.79
CA MET B 71 3.39 38.58 8.69
C MET B 71 4.54 37.93 7.94
N GLU B 72 5.59 37.54 8.67
CA GLU B 72 6.65 36.75 8.06
C GLU B 72 6.00 35.52 7.40
N VAL B 73 6.22 35.39 6.11
CA VAL B 73 5.71 34.26 5.36
C VAL B 73 6.87 33.31 5.19
N ASN B 74 6.66 32.02 5.42
CA ASN B 74 7.73 31.00 5.30
C ASN B 74 7.54 30.06 4.09
N VAL B 75 7.85 30.53 2.89
CA VAL B 75 7.43 29.76 1.72
C VAL B 75 8.49 29.44 0.69
N GLU B 76 9.76 29.53 1.07
CA GLU B 76 10.83 29.30 0.11
C GLU B 76 10.83 27.87 -0.34
N ASP B 77 10.71 26.93 0.60
CA ASP B 77 10.71 25.54 0.20
C ASP B 77 9.48 25.16 -0.63
N ILE B 78 8.30 25.51 -0.14
CA ILE B 78 7.13 25.15 -0.88
C ILE B 78 7.15 25.73 -2.30
N ASN B 79 7.57 26.99 -2.46
CA ASN B 79 7.62 27.65 -3.76
C ASN B 79 8.60 26.99 -4.75
N LYS B 80 9.61 26.31 -4.21
CA LYS B 80 10.59 25.67 -5.06
C LYS B 80 9.94 24.64 -5.96
N ILE B 81 8.87 23.96 -5.50
CA ILE B 81 8.30 22.87 -6.26
C ILE B 81 7.70 23.47 -7.56
N TYR B 82 7.02 24.60 -7.44
CA TYR B 82 6.33 25.20 -8.62
C TYR B 82 7.45 25.86 -9.44
N ALA B 83 8.48 26.38 -8.78
CA ALA B 83 9.61 26.99 -9.57
C ALA B 83 10.33 25.92 -10.41
N PHE B 84 10.48 24.73 -9.85
CA PHE B 84 11.05 23.58 -10.59
C PHE B 84 10.21 23.23 -11.78
N LYS B 85 8.90 23.28 -11.63
CA LYS B 85 8.03 22.99 -12.78
C LYS B 85 8.20 24.08 -13.91
N ARG B 86 8.39 25.35 -13.51
CA ARG B 86 8.68 26.52 -14.48
C ARG B 86 9.98 26.27 -15.24
N LEU B 87 10.98 25.70 -14.54
CA LEU B 87 12.27 25.33 -15.14
C LEU B 87 12.10 24.20 -16.16
N GLN B 88 11.43 23.13 -15.73
CA GLN B 88 11.17 22.01 -16.62
C GLN B 88 10.49 22.51 -17.90
N HIS B 89 9.60 23.48 -17.77
CA HIS B 89 8.78 23.90 -18.90
C HIS B 89 9.62 24.60 -20.00
N LEU B 90 10.78 25.19 -19.63
CA LEU B 90 11.68 25.83 -20.59
C LEU B 90 12.55 24.86 -21.37
N ALA B 91 12.66 23.61 -20.91
CA ALA B 91 13.60 22.65 -21.50
C ALA B 91 13.10 22.03 -22.79
N CYS B 92 14.02 21.52 -23.64
CA CYS B 92 13.58 20.81 -24.82
CA CYS B 92 13.61 20.69 -24.85
C CYS B 92 12.55 19.72 -24.41
N PRO B 93 11.47 19.55 -25.24
CA PRO B 93 10.42 18.63 -24.81
C PRO B 93 10.89 17.23 -24.45
N ALA B 94 11.79 16.65 -25.25
CA ALA B 94 12.14 15.28 -25.00
C ALA B 94 13.06 15.18 -23.78
N HIS B 95 13.58 16.30 -23.31
CA HIS B 95 14.40 16.31 -22.10
C HIS B 95 13.54 16.58 -20.86
N GLN B 96 12.26 16.97 -21.02
CA GLN B 96 11.44 17.33 -19.81
C GLN B 96 11.21 16.20 -18.82
N ASP B 97 11.11 14.95 -19.33
CA ASP B 97 10.96 13.88 -18.39
C ASP B 97 12.28 13.61 -17.60
N LEU B 98 13.34 14.37 -17.86
CA LEU B 98 14.52 14.26 -17.01
C LEU B 98 14.44 15.09 -15.73
N PHE B 99 13.39 15.93 -15.58
CA PHE B 99 13.25 16.80 -14.43
C PHE B 99 12.33 16.00 -13.55
N THR B 100 12.83 15.55 -12.41
CA THR B 100 11.96 14.75 -11.54
C THR B 100 12.20 15.18 -10.08
N ILE B 101 11.28 14.81 -9.22
CA ILE B 101 11.49 15.06 -7.84
C ILE B 101 11.53 13.66 -7.22
N LYS B 102 12.58 13.30 -6.56
CA LYS B 102 12.50 12.06 -5.81
C LYS B 102 12.76 12.34 -4.36
N MET B 103 12.88 11.26 -3.59
CA MET B 103 13.08 11.44 -2.18
C MET B 103 14.26 10.63 -1.82
N ASP B 104 14.94 10.99 -0.74
CA ASP B 104 16.06 10.14 -0.26
C ASP B 104 15.46 8.81 0.31
N ALA B 105 16.31 7.85 0.70
CA ALA B 105 15.89 6.64 1.46
C ALA B 105 14.96 6.89 2.65
N SER B 106 15.25 7.86 3.52
CA SER B 106 14.36 8.16 4.66
C SER B 106 12.99 8.74 4.25
N GLN B 107 12.90 9.20 3.01
CA GLN B 107 11.65 9.82 2.56
C GLN B 107 11.26 11.02 3.48
N THR B 108 12.25 11.70 4.06
CA THR B 108 12.12 13.01 4.70
C THR B 108 12.61 14.27 3.84
N GLN B 109 13.22 14.02 2.66
CA GLN B 109 13.84 15.05 1.78
C GLN B 109 13.35 14.88 0.33
N PHE B 110 12.82 15.95 -0.24
CA PHE B 110 12.51 16.02 -1.69
C PHE B 110 13.74 16.50 -2.45
N LEU B 111 14.24 15.68 -3.37
CA LEU B 111 15.43 16.08 -4.19
C LEU B 111 14.95 16.52 -5.58
N LEU B 112 15.24 17.77 -5.95
CA LEU B 112 14.90 18.33 -7.26
C LEU B 112 15.93 17.86 -8.24
N MET B 113 15.57 16.96 -9.14
CA MET B 113 16.59 16.48 -10.05
C MET B 113 16.51 16.74 -11.54
N VAL B 114 17.65 17.14 -12.12
CA VAL B 114 17.75 17.39 -13.52
C VAL B 114 18.62 16.28 -14.00
N GLY B 115 17.99 15.28 -14.64
CA GLY B 115 18.69 14.03 -14.92
C GLY B 115 19.23 13.51 -13.59
N ASP B 116 20.54 13.42 -13.48
CA ASP B 116 21.11 12.83 -12.24
C ASP B 116 21.74 13.88 -11.37
N THR B 117 21.57 15.15 -11.70
CA THR B 117 22.14 16.20 -10.88
C THR B 117 21.01 16.64 -9.92
N VAL B 118 21.27 16.57 -8.61
CA VAL B 118 20.44 17.31 -7.68
C VAL B 118 20.74 18.81 -7.62
N ILE B 119 19.84 19.62 -8.19
CA ILE B 119 20.06 21.09 -8.21
C ILE B 119 19.64 21.77 -6.90
N SER B 120 18.75 21.13 -6.14
CA SER B 120 18.30 21.68 -4.88
C SER B 120 17.45 20.66 -4.14
N GLN B 121 17.10 20.96 -2.91
CA GLN B 121 16.42 20.02 -2.05
C GLN B 121 15.57 20.72 -0.99
N SER B 122 14.50 20.04 -0.53
CA SER B 122 13.67 20.47 0.64
C SER B 122 13.21 19.29 1.52
N ASN B 123 13.29 19.50 2.84
CA ASN B 123 12.60 18.64 3.82
C ASN B 123 11.13 18.93 3.83
N ILE B 124 10.39 17.84 3.80
CA ILE B 124 8.94 17.86 3.79
C ILE B 124 8.48 18.70 4.98
N LYS B 125 9.17 18.59 6.12
CA LYS B 125 8.82 19.43 7.28
C LYS B 125 8.85 20.97 7.05
N ASP B 126 9.79 21.49 6.29
CA ASP B 126 9.78 22.91 5.98
C ASP B 126 8.78 23.28 4.88
N ILE B 127 8.55 22.38 3.93
CA ILE B 127 7.43 22.61 2.97
C ILE B 127 6.10 22.85 3.76
N LEU B 128 5.80 21.97 4.72
CA LEU B 128 4.53 21.96 5.46
C LEU B 128 4.38 23.07 6.51
N ASN B 129 5.46 23.80 6.76
CA ASN B 129 5.49 24.78 7.84
C ASN B 129 5.04 24.26 9.22
N ILE B 130 5.61 23.11 9.60
CA ILE B 130 5.34 22.48 10.86
C ILE B 130 6.67 22.49 11.62
N SER B 131 6.66 22.20 12.91
CA SER B 131 7.93 22.19 13.64
C SER B 131 8.63 20.84 13.54
N ASP B 132 9.96 20.93 13.40
CA ASP B 132 10.94 19.86 13.67
C ASP B 132 10.39 18.65 14.43
N ASP B 133 9.64 18.90 15.50
CA ASP B 133 9.17 17.81 16.36
C ASP B 133 7.86 17.15 15.91
N ALA B 134 7.02 17.89 15.20
CA ALA B 134 5.79 17.32 14.64
C ALA B 134 6.07 16.08 13.77
N VAL B 135 5.27 15.04 13.96
CA VAL B 135 5.46 13.80 13.24
C VAL B 135 4.75 13.96 11.94
N ILE B 136 5.39 13.44 10.90
CA ILE B 136 4.79 13.37 9.60
C ILE B 136 4.81 11.90 9.20
N GLU B 137 3.65 11.29 9.12
CA GLU B 137 3.49 9.90 8.73
C GLU B 137 3.93 9.68 7.30
N SER B 138 4.43 8.49 6.99
CA SER B 138 5.01 8.26 5.65
C SER B 138 3.94 8.16 4.54
N MET B 139 4.36 8.23 3.28
CA MET B 139 3.43 8.27 2.12
C MET B 139 3.70 7.17 1.09
N SER B 140 2.66 6.63 0.46
CA SER B 140 2.87 5.81 -0.74
C SER B 140 3.40 6.70 -1.91
N ARG B 141 3.92 6.10 -2.98
CA ARG B 141 4.29 6.92 -4.13
C ARG B 141 3.13 7.79 -4.64
N GLU B 142 1.94 7.19 -4.78
CA GLU B 142 0.78 7.86 -5.32
C GLU B 142 0.51 9.09 -4.48
N GLU B 143 0.55 8.93 -3.17
CA GLU B 143 0.31 9.98 -2.19
C GLU B 143 1.31 11.14 -2.26
N ARG B 144 2.55 10.81 -2.49
CA ARG B 144 3.62 11.79 -2.54
C ARG B 144 3.45 12.59 -3.84
N GLN B 145 3.15 11.90 -4.91
CA GLN B 145 2.88 12.59 -6.16
C GLN B 145 1.72 13.64 -6.01
N LEU B 146 0.62 13.25 -5.37
CA LEU B 146 -0.51 14.16 -5.12
C LEU B 146 -0.09 15.31 -4.24
N PHE B 147 0.71 14.99 -3.23
CA PHE B 147 1.19 16.02 -2.31
C PHE B 147 1.96 17.10 -3.09
N LEU B 148 2.80 16.66 -4.05
CA LEU B 148 3.66 17.59 -4.77
C LEU B 148 2.82 18.38 -5.78
N GLN B 149 1.79 17.74 -6.33
CA GLN B 149 0.89 18.47 -7.22
C GLN B 149 0.18 19.61 -6.46
N ILE B 150 -0.30 19.33 -5.27
CA ILE B 150 -0.91 20.36 -4.45
C ILE B 150 0.13 21.46 -4.11
N CYS B 151 1.35 21.09 -3.68
CA CYS B 151 2.44 22.11 -3.50
C CYS B 151 2.61 23.03 -4.72
N GLU B 152 2.63 22.47 -5.93
CA GLU B 152 2.80 23.27 -7.15
C GLU B 152 1.69 24.28 -7.34
N VAL B 153 0.43 23.83 -7.14
CA VAL B 153 -0.70 24.77 -7.22
C VAL B 153 -0.60 25.87 -6.13
N ILE B 154 -0.29 25.47 -4.89
CA ILE B 154 -0.22 26.48 -3.86
C ILE B 154 0.90 27.46 -4.22
N GLY B 155 2.07 26.93 -4.63
CA GLY B 155 3.17 27.79 -5.08
C GLY B 155 2.76 28.67 -6.25
N SER B 156 2.06 28.12 -7.20
CA SER B 156 1.63 28.96 -8.31
C SER B 156 0.81 30.17 -7.83
N LYS B 157 -0.11 29.90 -6.91
CA LYS B 157 -1.00 30.94 -6.42
C LYS B 157 -0.26 32.02 -5.62
N MET B 158 0.60 31.57 -4.71
CA MET B 158 1.45 32.47 -3.93
C MET B 158 2.53 33.26 -4.71
N THR B 159 2.97 32.76 -5.84
CA THR B 159 3.96 33.43 -6.64
C THR B 159 3.29 34.46 -7.57
N TRP B 160 2.21 34.09 -8.21
CA TRP B 160 1.65 34.98 -9.24
C TRP B 160 0.41 35.76 -8.77
N HIS B 161 -0.20 35.37 -7.63
CA HIS B 161 -1.37 36.10 -7.10
C HIS B 161 -1.20 36.30 -5.62
N PRO B 162 -0.17 37.08 -5.25
CA PRO B 162 0.09 37.34 -3.84
C PRO B 162 -1.06 38.11 -3.16
N GLU B 163 -2.03 38.60 -3.95
CA GLU B 163 -3.22 39.35 -3.49
C GLU B 163 -4.21 38.41 -2.84
N LEU B 164 -4.18 37.13 -3.22
CA LEU B 164 -5.05 36.13 -2.61
C LEU B 164 -4.69 35.98 -1.13
N LEU B 165 -3.40 35.87 -0.81
CA LEU B 165 -2.99 35.64 0.58
C LEU B 165 -3.21 36.87 1.43
N GLN B 166 -3.09 38.04 0.79
CA GLN B 166 -3.44 39.32 1.44
C GLN B 166 -4.84 39.26 2.03
N GLU B 167 -5.86 39.16 1.17
CA GLU B 167 -7.22 39.18 1.67
C GLU B 167 -7.30 38.37 2.94
N SER B 168 -6.93 37.10 2.84
CA SER B 168 -7.20 36.08 3.85
C SER B 168 -6.61 34.75 3.42
N ILE B 169 -6.51 33.83 4.36
CA ILE B 169 -5.96 32.55 4.02
C ILE B 169 -6.99 31.74 3.28
N SER B 170 -8.24 31.98 3.65
CA SER B 170 -9.38 31.35 3.03
C SER B 170 -9.55 31.75 1.56
N THR B 171 -9.24 33.00 1.21
CA THR B 171 -9.25 33.36 -0.20
C THR B 171 -8.18 32.54 -0.97
N LEU B 172 -7.07 32.17 -0.33
CA LEU B 172 -6.01 31.34 -1.01
C LEU B 172 -6.43 29.89 -1.12
N ARG B 173 -6.86 29.31 0.01
CA ARG B 173 -7.35 27.94 0.07
C ARG B 173 -8.40 27.65 -0.98
N LYS B 174 -9.35 28.58 -1.10
CA LYS B 174 -10.51 28.51 -2.01
C LYS B 174 -9.99 28.31 -3.39
N GLU B 175 -8.96 29.06 -3.76
CA GLU B 175 -8.37 28.97 -5.10
C GLU B 175 -7.59 27.66 -5.36
N VAL B 176 -7.13 27.03 -4.30
CA VAL B 176 -6.40 25.78 -4.42
C VAL B 176 -7.38 24.59 -4.40
N THR B 177 -8.24 24.53 -3.40
CA THR B 177 -9.21 23.44 -3.31
C THR B 177 -10.25 23.56 -4.40
N GLY B 178 -10.45 24.78 -4.91
CA GLY B 178 -11.37 25.04 -6.03
C GLY B 178 -10.77 24.71 -7.39
N ASN B 179 -9.46 24.39 -7.42
CA ASN B 179 -8.68 24.27 -8.67
C ASN B 179 -9.09 22.98 -9.37
N ALA B 180 -9.39 23.09 -10.66
CA ALA B 180 -10.00 21.99 -11.34
C ALA B 180 -9.04 20.84 -11.47
N GLN B 181 -7.74 21.09 -11.69
CA GLN B 181 -6.83 19.91 -11.83
C GLN B 181 -6.54 19.21 -10.48
N ILE B 182 -6.56 19.94 -9.41
CA ILE B 182 -6.39 19.38 -8.12
C ILE B 182 -7.63 18.57 -7.77
N LYS B 183 -8.81 19.11 -8.05
CA LYS B 183 -10.04 18.35 -7.68
C LYS B 183 -10.03 17.03 -8.40
N THR B 184 -9.64 17.06 -9.67
CA THR B 184 -9.58 15.85 -10.50
C THR B 184 -8.52 14.89 -10.00
N ALA B 185 -7.36 15.40 -9.67
CA ALA B 185 -6.31 14.46 -9.23
C ALA B 185 -6.71 13.85 -7.86
N VAL B 186 -7.35 14.61 -6.95
CA VAL B 186 -7.67 14.09 -5.60
C VAL B 186 -8.68 12.96 -5.75
N TYR B 187 -9.70 13.23 -6.56
CA TYR B 187 -10.77 12.24 -6.79
C TYR B 187 -10.26 11.04 -7.54
N GLU B 188 -9.35 11.25 -8.49
CA GLU B 188 -8.83 10.12 -9.29
C GLU B 188 -8.07 9.17 -8.38
N MET B 189 -7.15 9.71 -7.58
CA MET B 189 -6.56 8.95 -6.55
C MET B 189 -7.48 8.28 -5.48
N MET B 190 -8.43 9.01 -4.88
CA MET B 190 -9.20 8.50 -3.70
C MET B 190 -10.55 7.89 -3.99
N ARG B 191 -11.23 8.42 -5.00
CA ARG B 191 -12.53 7.87 -5.36
C ARG B 191 -12.62 7.88 -6.90
N PRO B 192 -11.88 6.97 -7.59
CA PRO B 192 -11.80 7.02 -9.07
C PRO B 192 -13.13 6.88 -9.77
N ALA B 193 -14.06 6.12 -9.22
CA ALA B 193 -15.36 5.96 -9.88
C ALA B 193 -16.32 7.11 -9.64
N GLU B 194 -15.93 8.09 -8.81
CA GLU B 194 -16.86 9.16 -8.43
C GLU B 194 -16.44 10.51 -9.04
N ALA B 195 -17.33 11.17 -9.77
CA ALA B 195 -17.00 12.53 -10.28
C ALA B 195 -16.87 13.56 -9.13
N PRO B 196 -15.89 14.45 -9.22
CA PRO B 196 -15.85 15.64 -8.35
C PRO B 196 -17.23 16.26 -8.13
N ASP B 197 -18.11 16.27 -9.15
CA ASP B 197 -19.44 16.88 -9.06
C ASP B 197 -20.57 15.95 -8.64
N HIS B 198 -20.26 14.67 -8.41
CA HIS B 198 -21.25 13.70 -7.97
C HIS B 198 -22.32 14.32 -7.04
N PRO B 199 -23.64 14.09 -7.30
CA PRO B 199 -24.64 14.69 -6.41
C PRO B 199 -24.85 13.85 -5.15
N LEU B 200 -25.05 14.50 -4.01
CA LEU B 200 -25.23 13.75 -2.77
C LEU B 200 -26.33 12.69 -2.83
N VAL B 201 -26.19 11.64 -2.03
CA VAL B 201 -27.21 10.64 -1.82
C VAL B 201 -27.75 10.83 -0.43
N GLU B 202 -29.08 10.79 -0.32
CA GLU B 202 -29.81 11.14 0.90
C GLU B 202 -29.58 10.08 1.99
N TRP B 203 -29.15 10.54 3.18
CA TRP B 203 -28.82 9.69 4.33
C TRP B 203 -30.02 8.79 4.65
N GLN B 204 -29.75 7.49 4.74
CA GLN B 204 -30.77 6.45 5.03
C GLN B 204 -30.19 5.79 6.25
N ASP B 205 -30.62 6.23 7.43
CA ASP B 205 -29.86 5.99 8.66
C ASP B 205 -30.07 4.58 9.20
N SER B 206 -29.14 3.71 8.87
CA SER B 206 -29.22 2.28 9.12
C SER B 206 -28.13 1.84 10.14
N LEU B 207 -27.82 2.74 11.07
CA LEU B 207 -26.70 2.54 12.00
C LEU B 207 -27.11 2.52 13.46
N THR B 208 -26.58 1.58 14.23
CA THR B 208 -26.74 1.56 15.68
C THR B 208 -25.80 2.56 16.37
N ALA B 209 -26.06 2.80 17.65
CA ALA B 209 -25.27 3.70 18.50
C ALA B 209 -23.80 3.23 18.58
N ASP B 210 -23.60 1.90 18.66
CA ASP B 210 -22.26 1.29 18.61
C ASP B 210 -21.52 1.64 17.29
N GLU B 211 -22.24 1.51 16.19
CA GLU B 211 -21.62 1.83 14.89
C GLU B 211 -21.12 3.31 14.82
N LYS B 212 -21.95 4.23 15.31
CA LYS B 212 -21.59 5.64 15.27
C LYS B 212 -20.34 5.88 16.13
N SER B 213 -20.36 5.33 17.33
CA SER B 213 -19.22 5.46 18.19
C SER B 213 -18.01 4.85 17.52
N MET B 214 -18.20 3.69 16.89
CA MET B 214 -17.12 3.12 16.13
C MET B 214 -16.63 4.14 15.10
N LEU B 215 -17.55 4.74 14.31
CA LEU B 215 -17.09 5.66 13.25
C LEU B 215 -16.51 6.97 13.74
N ALA B 216 -16.67 7.26 15.04
CA ALA B 216 -16.29 8.58 15.63
C ALA B 216 -14.86 9.04 15.39
N CYS B 217 -13.91 8.11 15.39
CA CYS B 217 -12.53 8.45 15.18
C CYS B 217 -12.13 8.88 13.75
N ILE B 218 -12.99 8.63 12.74
CA ILE B 218 -12.65 9.18 11.40
C ILE B 218 -12.92 10.67 11.25
N ASN B 219 -13.68 11.29 12.17
CA ASN B 219 -13.83 12.77 12.16
C ASN B 219 -13.73 13.40 13.54
N ALA B 220 -12.51 13.43 14.05
CA ALA B 220 -12.19 14.13 15.32
C ALA B 220 -12.91 13.70 16.59
N GLY B 221 -13.43 12.47 16.63
CA GLY B 221 -14.16 12.00 17.84
C GLY B 221 -15.66 12.32 18.01
N ASN B 222 -16.31 12.92 17.00
CA ASN B 222 -17.78 12.94 17.01
C ASN B 222 -18.30 12.45 15.70
N PHE B 223 -19.61 12.22 15.69
CA PHE B 223 -20.27 11.65 14.54
C PHE B 223 -21.28 12.65 13.96
N GLU B 224 -21.21 12.82 12.64
CA GLU B 224 -22.12 13.72 11.98
C GLU B 224 -22.25 13.20 10.55
N PRO B 225 -23.46 12.69 10.18
CA PRO B 225 -23.72 12.07 8.84
C PRO B 225 -23.27 12.88 7.58
N THR B 226 -23.37 14.20 7.62
CA THR B 226 -23.00 15.07 6.52
C THR B 226 -21.53 15.32 6.38
N THR B 227 -20.69 14.93 7.36
CA THR B 227 -19.23 15.26 7.33
C THR B 227 -18.32 14.10 7.67
N GLN B 228 -18.91 12.99 8.09
CA GLN B 228 -18.15 11.91 8.65
C GLN B 228 -17.16 11.30 7.66
N PHE B 229 -17.51 11.36 6.39
CA PHE B 229 -16.76 10.64 5.37
C PHE B 229 -15.98 11.51 4.45
N CYS B 230 -15.71 12.78 4.78
CA CYS B 230 -15.03 13.67 3.85
C CYS B 230 -13.59 13.24 3.66
N LYS B 231 -13.06 12.43 4.56
CA LYS B 231 -11.67 11.96 4.44
C LYS B 231 -11.56 10.55 3.91
N ILE B 232 -12.70 9.91 3.60
CA ILE B 232 -12.70 8.50 3.15
C ILE B 232 -12.76 8.31 1.62
N GLY B 233 -11.77 7.55 1.12
CA GLY B 233 -11.71 7.14 -0.27
C GLY B 233 -12.19 5.70 -0.41
N TYR B 234 -12.47 5.28 -1.65
CA TYR B 234 -12.97 3.95 -1.94
C TYR B 234 -12.89 3.68 -3.44
N GLN B 235 -12.68 2.43 -3.81
CA GLN B 235 -12.69 1.94 -5.23
C GLN B 235 -13.02 0.48 -5.26
N GLU B 236 -13.71 0.05 -6.32
CA GLU B 236 -13.97 -1.35 -6.61
C GLU B 236 -12.69 -1.81 -7.29
N VAL B 237 -12.10 -2.88 -6.78
CA VAL B 237 -11.08 -3.62 -7.55
C VAL B 237 -11.49 -5.09 -7.58
N GLN B 238 -11.64 -5.61 -8.79
CA GLN B 238 -12.21 -6.94 -9.04
C GLN B 238 -13.47 -7.15 -8.25
N GLY B 239 -14.31 -6.13 -8.21
CA GLY B 239 -15.67 -6.27 -7.64
C GLY B 239 -15.77 -6.25 -6.11
N GLU B 240 -14.69 -5.79 -5.48
CA GLU B 240 -14.54 -5.69 -4.05
C GLU B 240 -14.14 -4.25 -3.68
N VAL B 241 -14.96 -3.57 -2.89
CA VAL B 241 -14.63 -2.18 -2.52
C VAL B 241 -13.61 -2.09 -1.35
N ALA B 242 -12.58 -1.29 -1.57
CA ALA B 242 -11.52 -1.04 -0.64
C ALA B 242 -11.63 0.41 -0.21
N PHE B 243 -11.53 0.68 1.10
CA PHE B 243 -11.70 2.00 1.69
C PHE B 243 -10.37 2.39 2.23
N SER B 244 -10.11 3.69 2.28
CA SER B 244 -8.89 4.26 2.88
C SER B 244 -9.21 5.67 3.35
N MET B 245 -8.27 6.25 4.07
CA MET B 245 -8.39 7.60 4.52
C MET B 245 -7.37 8.47 3.84
N MET B 246 -7.78 9.70 3.49
CA MET B 246 -6.82 10.75 3.14
C MET B 246 -5.66 10.87 4.11
N HIS B 247 -4.48 11.07 3.51
CA HIS B 247 -3.23 11.07 4.23
C HIS B 247 -3.28 12.35 4.99
N PRO B 248 -2.92 12.32 6.29
CA PRO B 248 -3.01 13.55 7.04
C PRO B 248 -2.26 14.67 6.36
N CYS B 249 -1.21 14.35 5.60
CA CYS B 249 -0.41 15.43 5.00
C CYS B 249 -1.20 16.09 3.85
N ILE B 250 -1.86 15.29 3.05
CA ILE B 250 -2.76 15.86 2.05
C ILE B 250 -3.96 16.62 2.73
N SER B 251 -4.63 16.01 3.74
CA SER B 251 -5.71 16.74 4.44
C SER B 251 -5.17 18.05 4.93
N TYR B 252 -3.97 18.00 5.49
CA TYR B 252 -3.45 19.24 6.05
C TYR B 252 -3.17 20.25 4.94
N LEU B 253 -2.49 19.84 3.88
CA LEU B 253 -2.12 20.86 2.88
C LEU B 253 -3.35 21.52 2.20
N LEU B 254 -4.39 20.73 1.98
CA LEU B 254 -5.63 21.25 1.33
C LEU B 254 -6.44 22.21 2.21
N HIS B 255 -6.63 21.85 3.48
CA HIS B 255 -7.65 22.49 4.38
C HIS B 255 -7.11 23.19 5.61
N SER B 256 -5.86 22.93 6.00
CA SER B 256 -5.34 23.55 7.24
C SER B 256 -4.01 24.30 7.10
N TYR B 257 -3.26 24.06 6.03
CA TYR B 257 -1.96 24.69 5.86
C TYR B 257 -2.12 26.17 6.04
N SER B 258 -1.12 26.77 6.68
CA SER B 258 -0.94 28.20 6.70
C SER B 258 0.53 28.51 6.50
N PRO B 259 0.86 29.48 5.59
CA PRO B 259 2.20 29.95 5.20
C PRO B 259 2.93 30.79 6.22
N PHE B 260 2.25 31.81 6.74
CA PHE B 260 2.75 32.60 7.86
C PHE B 260 3.39 31.73 8.94
N SER B 261 4.48 32.19 9.51
CA SER B 261 5.26 31.33 10.39
C SER B 261 5.25 31.72 11.85
N GLU B 262 4.18 32.39 12.28
CA GLU B 262 3.90 32.60 13.72
C GLU B 262 2.82 31.57 14.02
N PHE B 263 2.95 30.43 13.36
CA PHE B 263 1.85 29.56 13.04
C PHE B 263 2.24 28.09 13.02
N LYS B 264 3.54 27.83 13.13
CA LYS B 264 4.07 26.46 13.15
C LYS B 264 3.41 25.51 14.17
N PRO B 265 3.35 25.87 15.47
CA PRO B 265 2.60 25.01 16.41
C PRO B 265 1.12 24.84 16.03
N THR B 266 0.45 25.94 15.70
CA THR B 266 -0.93 25.86 15.18
C THR B 266 -1.05 24.76 14.08
N ASN B 267 -0.35 24.95 12.96
CA ASN B 267 -0.25 23.91 11.93
C ASN B 267 0.08 22.49 12.47
N SER B 268 1.07 22.41 13.36
CA SER B 268 1.54 21.15 13.98
C SER B 268 0.44 20.50 14.77
N GLY B 269 -0.46 21.35 15.27
CA GLY B 269 -1.63 20.93 16.05
C GLY B 269 -2.57 20.26 15.09
N PHE B 270 -2.97 20.98 14.02
CA PHE B 270 -3.84 20.38 12.99
C PHE B 270 -3.29 19.06 12.54
N LEU B 271 -1.97 18.99 12.31
CA LEU B 271 -1.37 17.78 11.78
C LEU B 271 -1.44 16.67 12.81
N LYS B 272 -1.01 16.96 14.04
CA LYS B 272 -1.28 16.02 15.14
C LYS B 272 -2.75 15.50 15.21
N LYS B 273 -3.73 16.39 15.33
CA LYS B 273 -5.14 15.96 15.18
C LYS B 273 -5.34 15.02 13.97
N LEU B 274 -4.77 15.39 12.82
CA LEU B 274 -5.06 14.67 11.58
C LEU B 274 -4.43 13.30 11.64
N ASN B 275 -3.18 13.25 12.16
CA ASN B 275 -2.50 11.97 12.45
C ASN B 275 -3.30 11.06 13.36
N GLN B 276 -3.82 11.64 14.44
CA GLN B 276 -4.60 10.86 15.39
C GLN B 276 -5.82 10.21 14.77
N ASP B 277 -6.64 11.01 14.05
CA ASP B 277 -7.73 10.40 13.25
C ASP B 277 -7.27 9.19 12.44
N TYR B 278 -6.24 9.43 11.63
CA TYR B 278 -5.71 8.47 10.69
C TYR B 278 -5.11 7.25 11.36
N ASN B 279 -4.26 7.45 12.36
CA ASN B 279 -3.86 6.27 13.21
C ASN B 279 -5.02 5.49 13.88
N ASP B 280 -6.02 6.21 14.40
CA ASP B 280 -7.15 5.52 15.03
C ASP B 280 -7.94 4.72 14.02
N TYR B 281 -8.12 5.31 12.81
CA TYR B 281 -8.78 4.62 11.70
C TYR B 281 -8.03 3.35 11.39
N HIS B 282 -6.70 3.41 11.27
CA HIS B 282 -5.96 2.16 10.92
C HIS B 282 -5.96 1.15 12.04
N ALA B 283 -5.76 1.60 13.27
CA ALA B 283 -5.88 0.66 14.38
C ALA B 283 -7.19 -0.17 14.30
N LYS B 284 -8.32 0.48 14.01
CA LYS B 284 -9.64 -0.19 14.10
C LYS B 284 -10.22 -0.48 12.71
N LYS B 285 -9.29 -0.53 11.76
CA LYS B 285 -9.65 -0.48 10.37
C LYS B 285 -10.64 -1.57 9.97
N MET B 286 -10.52 -2.79 10.52
CA MET B 286 -11.42 -3.88 10.13
C MET B 286 -12.87 -3.75 10.63
N PHE B 287 -13.05 -3.15 11.81
CA PHE B 287 -14.40 -2.92 12.28
C PHE B 287 -15.07 -1.80 11.43
N ILE B 288 -14.36 -0.70 11.19
CA ILE B 288 -14.85 0.45 10.43
C ILE B 288 -15.27 0.14 8.98
N ASP B 289 -14.42 -0.58 8.27
CA ASP B 289 -14.69 -0.90 6.88
C ASP B 289 -15.90 -1.76 6.76
N VAL B 290 -16.21 -2.59 7.74
CA VAL B 290 -17.51 -3.27 7.69
C VAL B 290 -18.69 -2.23 7.72
N ILE B 291 -18.54 -1.21 8.55
CA ILE B 291 -19.61 -0.27 8.63
C ILE B 291 -19.66 0.57 7.35
N LEU B 292 -18.51 1.05 6.89
CA LEU B 292 -18.45 1.82 5.60
C LEU B 292 -19.06 1.01 4.47
N GLU B 293 -18.73 -0.31 4.40
CA GLU B 293 -19.19 -1.10 3.24
C GLU B 293 -20.71 -1.12 3.17
N LYS B 294 -21.37 -1.41 4.30
CA LYS B 294 -22.82 -1.33 4.39
C LYS B 294 -23.36 0.05 3.91
N LEU B 295 -22.72 1.11 4.40
CA LEU B 295 -23.17 2.47 4.09
C LEU B 295 -22.99 2.70 2.59
N TYR B 296 -21.87 2.26 2.07
CA TYR B 296 -21.58 2.41 0.64
C TYR B 296 -22.64 1.77 -0.26
N LEU B 297 -23.04 0.56 0.13
CA LEU B 297 -23.97 -0.22 -0.63
C LEU B 297 -25.38 0.33 -0.48
N THR B 298 -25.71 0.97 0.63
CA THR B 298 -27.07 1.44 0.72
C THR B 298 -27.21 2.88 0.20
N HIS B 299 -26.07 3.48 -0.16
CA HIS B 299 -26.05 4.88 -0.61
C HIS B 299 -25.51 4.97 -1.99
N GLU B 300 -25.97 4.03 -2.82
CA GLU B 300 -25.69 4.03 -4.25
C GLU B 300 -24.21 4.07 -4.50
N ARG B 301 -23.44 3.29 -3.74
CA ARG B 301 -22.01 3.12 -4.07
C ARG B 301 -21.24 4.46 -3.92
N SER B 302 -21.65 5.20 -2.91
CA SER B 302 -20.98 6.40 -2.52
C SER B 302 -21.08 6.53 -1.01
N LEU B 303 -20.17 7.32 -0.46
CA LEU B 303 -20.35 7.90 0.82
C LEU B 303 -20.45 9.44 0.73
N HIS B 304 -20.73 9.97 -0.46
CA HIS B 304 -21.11 11.40 -0.58
C HIS B 304 -22.59 11.51 -0.18
N ILE B 305 -22.80 11.41 1.11
CA ILE B 305 -24.08 11.29 1.77
C ILE B 305 -24.52 12.64 2.36
N GLY B 306 -25.78 13.01 2.19
CA GLY B 306 -26.19 14.33 2.58
C GLY B 306 -27.44 14.17 3.39
N LYS B 307 -27.88 15.25 4.01
CA LYS B 307 -29.08 15.21 4.74
C LYS B 307 -29.84 16.50 4.49
N ASP B 308 -31.08 16.35 4.02
CA ASP B 308 -31.93 17.47 3.68
C ASP B 308 -31.26 18.38 2.68
N GLY B 309 -30.71 17.79 1.63
CA GLY B 309 -30.04 18.60 0.67
C GLY B 309 -28.63 19.12 1.03
N CYS B 310 -28.04 18.72 2.18
CA CYS B 310 -26.74 19.30 2.63
C CYS B 310 -25.70 18.20 2.92
N SER B 311 -24.47 18.41 2.48
CA SER B 311 -23.42 17.44 2.65
C SER B 311 -22.10 18.19 2.68
N ARG B 312 -21.16 17.72 3.49
CA ARG B 312 -19.77 18.13 3.32
C ARG B 312 -18.95 16.83 3.25
N ASN B 313 -19.58 15.80 2.67
CA ASN B 313 -18.85 14.57 2.42
C ASN B 313 -18.07 14.48 1.15
N ILE B 314 -17.91 15.59 0.47
CA ILE B 314 -16.94 15.67 -0.63
C ILE B 314 -15.48 15.69 -0.15
N LEU B 315 -14.57 15.25 -1.01
CA LEU B 315 -13.15 15.27 -0.71
C LEU B 315 -12.58 16.66 -0.59
N LEU B 316 -13.08 17.59 -1.40
CA LEU B 316 -12.66 18.98 -1.42
C LEU B 316 -13.57 19.67 -2.44
N THR B 317 -13.66 20.98 -2.37
CA THR B 317 -14.40 21.69 -3.41
C THR B 317 -13.95 23.14 -3.55
#